data_1C0I
#
_entry.id   1C0I
#
_cell.length_a   120.830
_cell.length_b   120.830
_cell.length_c   136.806
_cell.angle_alpha   90.00
_cell.angle_beta   90.00
_cell.angle_gamma   90.00
#
_symmetry.space_group_name_H-M   'I 4 2 2'
#
loop_
_entity.id
_entity.type
_entity.pdbx_description
1 polymer 'D-AMINO ACID OXIDASE'
2 non-polymer 'FLAVIN-ADENINE DINUCLEOTIDE'
3 non-polymer '2-AMINOBENZOIC ACID'
4 water water
#
_entity_poly.entity_id   1
_entity_poly.type   'polypeptide(L)'
_entity_poly.pdbx_seq_one_letter_code
;LMMHSQKRVVVLGSGVIGLSSALILARKGYSVHILARDLPEDVSSQTFASPWAGANWTPFMTLTDGPRQAKWEESTFKKW
VELVPTGHAMWLKGTRRFAQNEDGLLGHWYKDITPNYRPLPSSECPPGAIGVTYDTLSVHAPKYCQYLARELQKLGATFE
RRTVTSLEQAFDGADLVVNATGLGAKSIAGIDDQAAEPIRGQTVLVKSPCKRCTMDSSDPASPAYIIPRPGGEVICGGTY
GVGDWDLSVNPETVQRILKHCLRLDPTISSDGTIEGIEVLRHNVGLRPARRGGPRVEAERIVLPLDRTKSPLSLGRGSAR
AAKEKEVTLVHAYGFSSAGYQQSWGAAEDVAQLVDEAFQRYHG
;
_entity_poly.pdbx_strand_id   A
#
loop_
_chem_comp.id
_chem_comp.type
_chem_comp.name
_chem_comp.formula
FAD non-polymer 'FLAVIN-ADENINE DINUCLEOTIDE' 'C27 H33 N9 O15 P2'
#
# COMPACT_ATOMS: atom_id res chain seq x y z
N LEU A 1 20.91 -36.51 -8.46
CA LEU A 1 21.63 -35.49 -9.23
C LEU A 1 20.69 -34.60 -10.06
N MET A 2 19.89 -33.78 -9.39
CA MET A 2 18.88 -32.97 -10.07
C MET A 2 19.28 -31.51 -10.27
N MET A 3 19.06 -31.02 -11.50
CA MET A 3 19.34 -29.62 -11.81
C MET A 3 18.52 -28.72 -10.90
N HIS A 4 19.21 -27.87 -10.16
CA HIS A 4 18.54 -26.99 -9.19
C HIS A 4 18.63 -25.53 -9.60
N SER A 5 17.62 -24.74 -9.23
CA SER A 5 17.56 -23.33 -9.59
C SER A 5 18.57 -22.52 -8.78
N GLN A 6 19.16 -21.58 -9.50
CA GLN A 6 20.00 -20.56 -8.91
C GLN A 6 19.27 -19.22 -8.99
N LYS A 7 17.95 -19.27 -8.82
CA LYS A 7 17.30 -17.95 -8.83
C LYS A 7 16.40 -17.80 -7.60
N ARG A 8 17.05 -17.94 -6.44
CA ARG A 8 16.32 -17.91 -5.18
C ARG A 8 16.22 -16.50 -4.63
N VAL A 9 15.04 -16.15 -4.15
CA VAL A 9 14.79 -14.86 -3.55
C VAL A 9 13.79 -15.01 -2.39
N VAL A 10 14.13 -14.33 -1.30
CA VAL A 10 13.25 -14.14 -0.16
C VAL A 10 12.59 -12.76 -0.29
N VAL A 11 11.27 -12.77 -0.10
CA VAL A 11 10.49 -11.53 -0.03
C VAL A 11 10.03 -11.36 1.40
N LEU A 12 10.52 -10.29 2.02
CA LEU A 12 10.20 -10.16 3.46
C LEU A 12 9.02 -9.20 3.53
N GLY A 13 7.86 -9.65 3.94
CA GLY A 13 6.66 -8.83 3.93
C GLY A 13 5.60 -9.39 2.99
N SER A 14 4.35 -9.47 3.45
CA SER A 14 3.29 -10.04 2.63
C SER A 14 2.11 -9.09 2.49
N GLY A 15 2.36 -7.78 2.53
CA GLY A 15 1.35 -6.79 2.20
C GLY A 15 1.27 -6.68 0.68
N VAL A 16 0.48 -5.72 0.17
CA VAL A 16 0.31 -5.65 -1.29
C VAL A 16 1.65 -5.45 -1.98
N ILE A 17 2.61 -4.79 -1.32
CA ILE A 17 3.90 -4.55 -1.98
C ILE A 17 4.77 -5.80 -2.03
N GLY A 18 4.95 -6.52 -0.93
CA GLY A 18 5.70 -7.77 -1.04
C GLY A 18 5.01 -8.76 -1.98
N LEU A 19 3.68 -8.83 -1.84
CA LEU A 19 2.95 -9.74 -2.73
C LEU A 19 3.18 -9.38 -4.19
N SER A 20 3.04 -8.09 -4.54
CA SER A 20 3.17 -7.82 -5.98
C SER A 20 4.61 -8.02 -6.45
N SER A 21 5.57 -7.72 -5.57
CA SER A 21 6.97 -7.93 -5.96
C SER A 21 7.19 -9.42 -6.21
N ALA A 22 6.75 -10.19 -5.23
CA ALA A 22 6.84 -11.64 -5.31
C ALA A 22 6.22 -12.16 -6.59
N LEU A 23 5.04 -11.68 -6.98
CA LEU A 23 4.37 -12.23 -8.16
C LEU A 23 5.14 -11.96 -9.44
N ILE A 24 5.63 -10.73 -9.60
CA ILE A 24 6.40 -10.43 -10.81
C ILE A 24 7.71 -11.22 -10.83
N LEU A 25 8.34 -11.40 -9.68
CA LEU A 25 9.59 -12.18 -9.65
C LEU A 25 9.37 -13.64 -10.02
N ALA A 26 8.30 -14.22 -9.48
CA ALA A 26 7.88 -15.56 -9.82
C ALA A 26 7.51 -15.71 -11.29
N ARG A 27 6.79 -14.77 -11.89
CA ARG A 27 6.47 -14.85 -13.31
C ARG A 27 7.79 -14.76 -14.10
N LYS A 28 8.78 -14.03 -13.56
CA LYS A 28 10.05 -13.94 -14.27
C LYS A 28 10.89 -15.21 -14.13
N GLY A 29 10.43 -16.18 -13.33
CA GLY A 29 11.17 -17.42 -13.17
C GLY A 29 11.91 -17.54 -11.86
N TYR A 30 11.90 -16.54 -10.99
CA TYR A 30 12.58 -16.66 -9.70
C TYR A 30 11.91 -17.67 -8.78
N SER A 31 12.69 -18.28 -7.90
CA SER A 31 12.10 -19.15 -6.90
C SER A 31 11.84 -18.30 -5.67
N VAL A 32 10.60 -18.19 -5.23
CA VAL A 32 10.30 -17.14 -4.26
C VAL A 32 9.72 -17.69 -2.97
N HIS A 33 10.36 -17.28 -1.87
CA HIS A 33 9.71 -17.70 -0.62
C HIS A 33 9.34 -16.42 0.11
N ILE A 34 8.10 -16.37 0.59
CA ILE A 34 7.66 -15.20 1.35
C ILE A 34 7.68 -15.51 2.83
N LEU A 35 8.32 -14.62 3.56
CA LEU A 35 8.47 -14.64 5.00
C LEU A 35 7.79 -13.40 5.58
N ALA A 36 6.83 -13.58 6.49
CA ALA A 36 6.15 -12.39 6.99
C ALA A 36 5.39 -12.68 8.27
N ARG A 37 5.19 -11.66 9.09
CA ARG A 37 4.37 -11.82 10.29
C ARG A 37 2.89 -11.96 9.92
N ASP A 38 2.46 -11.05 9.06
CA ASP A 38 1.07 -10.89 8.66
C ASP A 38 0.86 -11.36 7.24
N LEU A 39 -0.12 -12.25 7.07
CA LEU A 39 -0.37 -12.88 5.78
C LEU A 39 -1.71 -12.48 5.18
N PRO A 40 -1.97 -12.71 3.89
CA PRO A 40 -3.22 -12.23 3.28
C PRO A 40 -4.45 -12.77 3.99
N GLU A 41 -4.42 -13.95 4.59
CA GLU A 41 -5.59 -14.38 5.37
C GLU A 41 -5.83 -13.55 6.62
N ASP A 42 -4.88 -12.74 7.11
CA ASP A 42 -5.17 -12.01 8.34
C ASP A 42 -5.86 -10.69 8.05
N VAL A 43 -7.13 -10.75 7.73
CA VAL A 43 -7.89 -9.61 7.22
C VAL A 43 -8.33 -8.61 8.27
N SER A 44 -8.10 -8.87 9.56
CA SER A 44 -8.43 -7.83 10.55
C SER A 44 -7.22 -7.54 11.41
N SER A 45 -6.05 -7.92 10.91
CA SER A 45 -4.85 -7.64 11.69
C SER A 45 -4.46 -6.18 11.57
N GLN A 46 -4.20 -5.54 12.73
CA GLN A 46 -3.85 -4.14 12.67
C GLN A 46 -2.34 -3.93 12.63
N THR A 47 -1.56 -5.02 12.55
CA THR A 47 -0.12 -4.80 12.59
C THR A 47 0.46 -4.74 11.18
N PHE A 48 -0.36 -4.64 10.15
CA PHE A 48 0.08 -4.23 8.82
C PHE A 48 -1.03 -3.40 8.18
N ALA A 49 -0.72 -2.79 7.04
CA ALA A 49 -1.65 -1.78 6.53
C ALA A 49 -2.62 -2.33 5.49
N SER A 50 -2.22 -3.34 4.75
CA SER A 50 -2.88 -3.80 3.56
C SER A 50 -4.33 -4.25 3.75
N PRO A 51 -4.79 -4.82 4.84
CA PRO A 51 -6.24 -5.11 4.92
C PRO A 51 -7.14 -3.87 4.95
N TRP A 52 -6.60 -2.69 5.24
CA TRP A 52 -7.44 -1.55 5.58
C TRP A 52 -7.67 -0.56 4.46
N ALA A 53 -7.07 -0.68 3.29
CA ALA A 53 -7.18 0.27 2.20
C ALA A 53 -8.53 0.26 1.49
N GLY A 54 -8.83 1.32 0.76
CA GLY A 54 -10.07 1.50 0.01
C GLY A 54 -10.48 0.34 -0.88
N ALA A 55 -9.67 -0.04 -1.86
CA ALA A 55 -8.48 0.69 -2.26
C ALA A 55 -8.74 1.28 -3.64
N ASN A 56 -8.63 2.58 -3.81
CA ASN A 56 -8.86 3.08 -5.17
C ASN A 56 -7.58 3.74 -5.69
N TRP A 57 -7.66 4.31 -6.86
CA TRP A 57 -6.53 5.03 -7.48
C TRP A 57 -6.81 6.53 -7.43
N THR A 58 -6.15 7.18 -6.48
CA THR A 58 -6.27 8.62 -6.26
C THR A 58 -4.90 9.29 -6.15
N PRO A 59 -4.33 9.77 -7.25
CA PRO A 59 -3.00 10.39 -7.19
C PRO A 59 -2.95 11.50 -6.16
N PHE A 60 -1.82 11.58 -5.45
CA PHE A 60 -1.67 12.59 -4.42
C PHE A 60 -0.50 13.54 -4.67
N MET A 61 0.31 13.40 -5.72
CA MET A 61 1.36 14.40 -5.91
C MET A 61 1.39 14.92 -7.34
N THR A 62 2.08 16.04 -7.49
CA THR A 62 2.44 16.57 -8.78
C THR A 62 3.48 15.68 -9.44
N LEU A 63 3.65 15.82 -10.75
CA LEU A 63 4.72 15.09 -11.41
C LEU A 63 6.05 15.52 -10.82
N THR A 64 6.13 16.83 -10.59
CA THR A 64 7.39 17.35 -10.07
C THR A 64 7.67 16.83 -8.67
N ASP A 65 6.73 16.83 -7.75
CA ASP A 65 6.99 16.31 -6.41
C ASP A 65 7.11 14.80 -6.35
N GLY A 66 6.44 14.05 -7.21
CA GLY A 66 6.41 12.60 -7.10
C GLY A 66 6.53 11.91 -8.44
N PRO A 67 7.68 12.10 -9.08
CA PRO A 67 7.86 11.49 -10.40
C PRO A 67 7.72 9.98 -10.34
N ARG A 68 8.28 9.30 -9.33
CA ARG A 68 8.21 7.86 -9.33
C ARG A 68 6.77 7.43 -9.04
N GLN A 69 6.20 8.13 -8.08
CA GLN A 69 4.82 7.88 -7.70
C GLN A 69 3.88 7.84 -8.90
N ALA A 70 4.00 8.82 -9.80
CA ALA A 70 3.15 8.95 -10.97
C ALA A 70 3.42 7.83 -11.97
N LYS A 71 4.72 7.55 -12.16
CA LYS A 71 5.09 6.41 -13.00
C LYS A 71 4.48 5.14 -12.47
N TRP A 72 4.58 4.94 -11.15
CA TRP A 72 4.06 3.69 -10.56
C TRP A 72 2.53 3.66 -10.63
N GLU A 73 1.91 4.81 -10.40
CA GLU A 73 0.44 4.86 -10.47
C GLU A 73 -0.02 4.59 -11.89
N GLU A 74 0.58 5.27 -12.86
CA GLU A 74 0.20 5.04 -14.25
C GLU A 74 0.31 3.58 -14.67
N SER A 75 1.41 2.94 -14.24
CA SER A 75 1.55 1.52 -14.56
C SER A 75 0.50 0.65 -13.86
N THR A 76 0.26 0.90 -12.57
CA THR A 76 -0.73 0.07 -11.89
C THR A 76 -2.11 0.24 -12.51
N PHE A 77 -2.44 1.44 -12.99
CA PHE A 77 -3.76 1.65 -13.60
C PHE A 77 -3.95 0.71 -14.77
N LYS A 78 -2.94 0.62 -15.64
CA LYS A 78 -3.11 -0.30 -16.77
C LYS A 78 -3.34 -1.72 -16.31
N LYS A 79 -2.71 -2.09 -15.19
CA LYS A 79 -2.87 -3.48 -14.75
C LYS A 79 -4.28 -3.75 -14.22
N TRP A 80 -4.78 -2.76 -13.49
CA TRP A 80 -6.12 -2.87 -12.91
C TRP A 80 -7.14 -2.91 -14.04
N VAL A 81 -6.90 -2.14 -15.09
CA VAL A 81 -7.78 -2.17 -16.26
C VAL A 81 -7.94 -3.63 -16.72
N GLU A 82 -6.83 -4.34 -16.86
CA GLU A 82 -6.78 -5.73 -17.26
C GLU A 82 -7.50 -6.65 -16.29
N LEU A 83 -7.76 -6.19 -15.08
CA LEU A 83 -8.40 -7.04 -14.07
C LEU A 83 -9.91 -6.82 -14.02
N VAL A 84 -10.41 -5.79 -14.69
CA VAL A 84 -11.85 -5.57 -14.60
C VAL A 84 -12.65 -6.75 -15.15
N PRO A 85 -12.39 -7.23 -16.35
CA PRO A 85 -13.11 -8.41 -16.88
C PRO A 85 -13.24 -9.57 -15.91
N THR A 86 -12.24 -9.85 -15.06
CA THR A 86 -12.46 -10.98 -14.18
C THR A 86 -12.99 -10.53 -12.81
N GLY A 87 -13.23 -9.23 -12.67
CA GLY A 87 -13.76 -8.72 -11.41
C GLY A 87 -12.71 -8.46 -10.37
N HIS A 88 -11.41 -8.56 -10.70
CA HIS A 88 -10.49 -8.25 -9.57
C HIS A 88 -10.27 -6.76 -9.45
N ALA A 89 -10.90 -5.96 -10.30
CA ALA A 89 -10.93 -4.51 -10.21
C ALA A 89 -12.29 -3.98 -10.63
N MET A 90 -12.66 -2.80 -10.16
CA MET A 90 -13.99 -2.26 -10.41
C MET A 90 -13.98 -0.79 -10.82
N TRP A 91 -14.69 -0.45 -11.90
CA TRP A 91 -14.81 0.96 -12.27
C TRP A 91 -15.66 1.71 -11.24
N LEU A 92 -15.19 2.89 -10.91
CA LEU A 92 -15.82 3.90 -10.08
C LEU A 92 -16.06 5.11 -10.99
N LYS A 93 -17.16 5.04 -11.75
CA LYS A 93 -17.42 6.06 -12.75
C LYS A 93 -17.91 7.33 -12.09
N GLY A 94 -17.65 8.48 -12.71
CA GLY A 94 -18.18 9.71 -12.16
C GLY A 94 -17.73 9.94 -10.73
N THR A 95 -16.54 9.41 -10.43
CA THR A 95 -15.88 9.82 -9.19
C THR A 95 -15.86 11.34 -9.13
N ARG A 96 -16.04 11.91 -7.96
CA ARG A 96 -15.92 13.35 -7.80
C ARG A 96 -14.80 13.67 -6.81
N ARG A 97 -13.89 14.58 -7.14
CA ARG A 97 -12.81 14.94 -6.21
C ARG A 97 -12.79 16.42 -5.89
N PHE A 98 -13.03 16.76 -4.62
CA PHE A 98 -13.08 18.13 -4.17
C PHE A 98 -11.83 18.54 -3.39
N ALA A 99 -11.23 19.65 -3.80
CA ALA A 99 -10.07 20.23 -3.13
C ALA A 99 -10.33 21.70 -2.77
N GLN A 100 -9.43 22.28 -1.99
CA GLN A 100 -9.53 23.65 -1.52
C GLN A 100 -9.30 24.67 -2.63
N ASN A 101 -8.40 24.28 -3.53
CA ASN A 101 -7.94 25.18 -4.56
C ASN A 101 -7.35 24.39 -5.72
N GLU A 102 -7.03 25.13 -6.76
CA GLU A 102 -6.44 24.59 -7.97
C GLU A 102 -5.18 23.81 -7.61
N ASP A 103 -4.48 24.25 -6.58
CA ASP A 103 -3.27 23.54 -6.18
C ASP A 103 -3.57 22.10 -5.82
N GLY A 104 -4.64 21.91 -5.05
CA GLY A 104 -5.05 20.61 -4.59
C GLY A 104 -5.33 19.63 -5.71
N LEU A 105 -5.46 20.08 -6.95
CA LEU A 105 -5.75 19.20 -8.09
C LEU A 105 -4.49 18.76 -8.83
N LEU A 106 -3.33 19.16 -8.33
CA LEU A 106 -2.08 18.52 -8.71
C LEU A 106 -1.74 18.65 -10.18
N GLY A 107 -2.16 19.73 -10.84
CA GLY A 107 -1.75 19.93 -12.23
C GLY A 107 -2.52 19.03 -13.16
N HIS A 108 -3.55 18.38 -12.62
CA HIS A 108 -4.36 17.47 -13.44
C HIS A 108 -3.52 16.45 -14.19
N TRP A 109 -2.40 16.00 -13.63
CA TRP A 109 -1.44 15.25 -14.44
C TRP A 109 -2.00 13.98 -15.05
N TYR A 110 -2.95 13.35 -14.35
CA TYR A 110 -3.47 12.03 -14.71
C TYR A 110 -4.69 12.05 -15.61
N LYS A 111 -5.01 13.20 -16.19
CA LYS A 111 -6.27 13.36 -16.92
C LYS A 111 -6.36 12.47 -18.14
N ASP A 112 -5.26 12.00 -18.71
CA ASP A 112 -5.32 11.12 -19.87
C ASP A 112 -5.45 9.66 -19.42
N ILE A 113 -5.33 9.47 -18.11
CA ILE A 113 -5.35 8.09 -17.63
C ILE A 113 -6.75 7.71 -17.16
N THR A 114 -7.31 8.55 -16.29
CA THR A 114 -8.68 8.30 -15.84
C THR A 114 -9.67 8.83 -16.88
N PRO A 115 -10.50 7.99 -17.46
CA PRO A 115 -11.43 8.43 -18.53
C PRO A 115 -12.44 9.46 -18.05
N ASN A 116 -12.89 10.29 -18.98
CA ASN A 116 -13.90 11.30 -18.81
C ASN A 116 -13.52 12.35 -17.80
N TYR A 117 -12.22 12.65 -17.75
CA TYR A 117 -11.75 13.62 -16.77
C TYR A 117 -12.31 15.00 -17.07
N ARG A 118 -12.99 15.62 -16.12
CA ARG A 118 -13.41 17.00 -16.44
C ARG A 118 -13.71 17.78 -15.17
N PRO A 119 -13.66 19.11 -15.27
CA PRO A 119 -13.92 19.96 -14.12
C PRO A 119 -15.40 19.94 -13.75
N LEU A 120 -15.65 20.06 -12.46
CA LEU A 120 -16.99 20.22 -11.94
C LEU A 120 -17.34 21.69 -11.82
N PRO A 121 -18.58 22.02 -12.17
CA PRO A 121 -19.18 23.32 -11.87
C PRO A 121 -19.28 23.53 -10.37
N SER A 122 -19.30 24.78 -9.92
CA SER A 122 -19.30 25.08 -8.49
C SER A 122 -20.64 24.75 -7.85
N SER A 123 -21.63 24.59 -8.73
CA SER A 123 -22.94 24.09 -8.33
C SER A 123 -22.88 22.64 -7.86
N GLU A 124 -21.85 21.92 -8.30
CA GLU A 124 -21.70 20.53 -7.90
C GLU A 124 -20.56 20.31 -6.93
N CYS A 125 -20.06 21.37 -6.30
CA CYS A 125 -19.02 21.25 -5.28
C CYS A 125 -19.47 21.77 -3.93
N PRO A 126 -18.92 21.29 -2.82
CA PRO A 126 -19.20 21.92 -1.52
C PRO A 126 -18.92 23.41 -1.57
N PRO A 127 -19.32 24.17 -0.56
CA PRO A 127 -19.14 25.62 -0.70
C PRO A 127 -17.66 25.98 -0.64
N GLY A 128 -17.19 26.81 -1.58
CA GLY A 128 -15.81 27.24 -1.54
C GLY A 128 -14.82 26.25 -2.11
N ALA A 129 -15.25 25.01 -2.38
CA ALA A 129 -14.38 23.99 -2.94
C ALA A 129 -14.41 23.93 -4.46
N ILE A 130 -13.30 23.46 -5.04
CA ILE A 130 -13.24 23.25 -6.48
C ILE A 130 -13.26 21.75 -6.75
N GLY A 131 -13.62 21.29 -7.95
CA GLY A 131 -13.70 19.86 -8.13
C GLY A 131 -13.57 19.41 -9.57
N VAL A 132 -13.15 18.16 -9.74
CA VAL A 132 -13.13 17.45 -11.00
C VAL A 132 -13.92 16.14 -10.84
N THR A 133 -14.27 15.56 -11.97
CA THR A 133 -14.85 14.22 -11.98
C THR A 133 -14.11 13.45 -13.08
N TYR A 134 -14.09 12.15 -12.93
CA TYR A 134 -13.35 11.20 -13.75
C TYR A 134 -13.78 9.77 -13.39
N ASP A 135 -13.39 8.81 -14.20
CA ASP A 135 -13.66 7.43 -13.80
C ASP A 135 -12.33 6.82 -13.37
N THR A 136 -12.36 6.22 -12.19
CA THR A 136 -11.14 5.60 -11.68
C THR A 136 -11.46 4.15 -11.33
N LEU A 137 -10.47 3.44 -10.82
CA LEU A 137 -10.54 2.01 -10.56
C LEU A 137 -10.33 1.73 -9.08
N SER A 138 -10.98 0.69 -8.58
CA SER A 138 -10.83 0.28 -7.18
C SER A 138 -10.62 -1.23 -7.07
N VAL A 139 -9.94 -1.71 -6.03
CA VAL A 139 -9.91 -3.14 -5.75
C VAL A 139 -10.38 -3.35 -4.31
N HIS A 140 -10.89 -4.54 -3.99
CA HIS A 140 -11.21 -4.92 -2.63
C HIS A 140 -9.92 -5.32 -1.90
N ALA A 141 -9.38 -4.44 -1.09
CA ALA A 141 -8.04 -4.59 -0.56
C ALA A 141 -7.76 -5.98 -0.01
N PRO A 142 -8.41 -6.51 1.00
CA PRO A 142 -8.01 -7.86 1.44
C PRO A 142 -8.22 -8.93 0.39
N LYS A 143 -9.27 -8.88 -0.43
CA LYS A 143 -9.47 -9.94 -1.42
C LYS A 143 -8.44 -9.85 -2.53
N TYR A 144 -8.05 -8.63 -2.89
CA TYR A 144 -7.03 -8.46 -3.94
C TYR A 144 -5.72 -9.13 -3.52
N CYS A 145 -5.35 -8.91 -2.26
CA CYS A 145 -4.17 -9.57 -1.71
C CYS A 145 -4.30 -11.08 -1.75
N GLN A 146 -5.45 -11.64 -1.38
CA GLN A 146 -5.58 -13.11 -1.44
C GLN A 146 -5.48 -13.62 -2.86
N TYR A 147 -5.95 -12.85 -3.82
CA TYR A 147 -5.90 -13.14 -5.23
C TYR A 147 -4.44 -13.23 -5.67
N LEU A 148 -3.64 -12.23 -5.26
CA LEU A 148 -2.23 -12.24 -5.59
C LEU A 148 -1.59 -13.51 -5.01
N ALA A 149 -2.01 -13.85 -3.80
CA ALA A 149 -1.49 -15.02 -3.10
C ALA A 149 -1.80 -16.28 -3.88
N ARG A 150 -3.04 -16.41 -4.37
CA ARG A 150 -3.33 -17.58 -5.21
C ARG A 150 -2.45 -17.61 -6.44
N GLU A 151 -2.21 -16.45 -7.03
CA GLU A 151 -1.39 -16.48 -8.25
C GLU A 151 0.01 -16.96 -7.87
N LEU A 152 0.49 -16.50 -6.72
CA LEU A 152 1.78 -16.96 -6.24
C LEU A 152 1.86 -18.47 -6.01
N GLN A 153 0.87 -19.06 -5.35
CA GLN A 153 0.75 -20.50 -5.17
C GLN A 153 0.96 -21.27 -6.47
N LYS A 154 0.22 -20.87 -7.49
CA LYS A 154 0.28 -21.53 -8.79
C LYS A 154 1.66 -21.37 -9.39
N LEU A 155 2.31 -20.23 -9.16
CA LEU A 155 3.66 -20.15 -9.72
C LEU A 155 4.68 -20.81 -8.80
N GLY A 156 4.24 -21.44 -7.72
CA GLY A 156 5.16 -22.20 -6.90
C GLY A 156 5.85 -21.43 -5.80
N ALA A 157 5.47 -20.19 -5.54
CA ALA A 157 5.97 -19.43 -4.39
C ALA A 157 5.47 -20.01 -3.09
N THR A 158 6.24 -19.86 -2.01
CA THR A 158 5.67 -20.41 -0.78
C THR A 158 5.59 -19.32 0.27
N PHE A 159 4.79 -19.62 1.27
CA PHE A 159 4.61 -18.61 2.32
C PHE A 159 5.02 -19.23 3.67
N GLU A 160 5.65 -18.41 4.50
CA GLU A 160 5.96 -18.87 5.84
C GLU A 160 5.79 -17.73 6.83
N ARG A 161 5.08 -18.00 7.93
CA ARG A 161 4.86 -17.00 8.96
C ARG A 161 6.12 -16.84 9.80
N ARG A 162 6.65 -15.62 9.87
CA ARG A 162 7.86 -15.39 10.65
C ARG A 162 7.95 -13.92 11.03
N THR A 163 8.48 -13.63 12.20
CA THR A 163 8.73 -12.26 12.61
C THR A 163 10.23 -12.04 12.80
N VAL A 164 10.80 -11.24 11.93
CA VAL A 164 12.25 -11.10 11.91
C VAL A 164 12.76 -9.97 12.78
N THR A 165 13.88 -10.15 13.48
CA THR A 165 14.40 -9.05 14.31
C THR A 165 15.77 -8.59 13.83
N SER A 166 16.34 -9.38 12.93
CA SER A 166 17.65 -9.10 12.36
C SER A 166 17.82 -9.69 10.96
N LEU A 167 18.52 -8.99 10.08
CA LEU A 167 18.52 -9.35 8.67
C LEU A 167 18.97 -10.77 8.39
N GLU A 168 19.83 -11.32 9.22
CA GLU A 168 20.37 -12.61 8.75
C GLU A 168 19.29 -13.68 8.79
N GLN A 169 18.29 -13.45 9.63
CA GLN A 169 17.14 -14.35 9.75
C GLN A 169 16.32 -14.38 8.46
N ALA A 170 16.41 -13.33 7.65
CA ALA A 170 15.68 -13.30 6.40
C ALA A 170 16.52 -13.86 5.27
N PHE A 171 17.83 -13.70 5.37
CA PHE A 171 18.72 -14.30 4.35
C PHE A 171 18.90 -15.80 4.57
N ASP A 172 17.78 -16.49 4.59
CA ASP A 172 17.39 -17.86 4.76
C ASP A 172 17.53 -18.61 3.45
N GLY A 173 18.71 -19.18 3.20
CA GLY A 173 18.92 -19.89 1.96
C GLY A 173 18.76 -19.00 0.74
N ALA A 174 18.91 -17.69 0.91
CA ALA A 174 18.94 -16.90 -0.34
C ALA A 174 19.93 -15.76 -0.18
N ASP A 175 20.48 -15.19 -1.25
CA ASP A 175 21.45 -14.11 -1.17
C ASP A 175 20.84 -12.77 -1.54
N LEU A 176 19.54 -12.81 -1.83
CA LEU A 176 18.77 -11.61 -2.11
C LEU A 176 17.46 -11.62 -1.33
N VAL A 177 17.20 -10.54 -0.61
CA VAL A 177 15.95 -10.36 0.11
C VAL A 177 15.26 -9.10 -0.43
N VAL A 178 13.94 -9.18 -0.64
CA VAL A 178 13.13 -8.00 -0.94
C VAL A 178 12.52 -7.50 0.37
N ASN A 179 12.84 -6.28 0.78
CA ASN A 179 12.34 -5.83 2.09
C ASN A 179 11.09 -4.98 1.92
N ALA A 180 9.93 -5.61 2.11
CA ALA A 180 8.65 -4.93 1.96
C ALA A 180 7.90 -4.95 3.27
N THR A 181 8.51 -4.38 4.30
CA THR A 181 8.06 -4.57 5.68
C THR A 181 7.26 -3.39 6.22
N GLY A 182 6.94 -2.40 5.38
CA GLY A 182 6.13 -1.29 5.92
C GLY A 182 6.78 -0.62 7.11
N LEU A 183 6.10 -0.49 8.24
CA LEU A 183 6.67 0.14 9.41
C LEU A 183 7.77 -0.67 10.10
N GLY A 184 7.81 -1.99 9.88
CA GLY A 184 8.73 -2.90 10.53
C GLY A 184 10.19 -2.64 10.14
N ALA A 185 10.40 -1.91 9.08
CA ALA A 185 11.72 -1.58 8.57
C ALA A 185 12.50 -0.76 9.61
N LYS A 186 11.78 -0.10 10.51
CA LYS A 186 12.48 0.68 11.52
C LYS A 186 13.07 -0.18 12.61
N SER A 187 12.54 -1.38 12.88
CA SER A 187 12.96 -2.05 14.10
C SER A 187 13.64 -3.38 13.80
N ILE A 188 13.99 -3.59 12.55
CA ILE A 188 14.71 -4.81 12.16
C ILE A 188 16.21 -4.47 12.07
N ALA A 189 17.03 -5.19 12.82
CA ALA A 189 18.47 -4.92 12.80
C ALA A 189 19.02 -5.12 11.39
N GLY A 190 19.77 -4.15 10.89
CA GLY A 190 20.24 -4.24 9.52
C GLY A 190 19.46 -3.29 8.63
N ILE A 191 18.34 -2.78 9.15
CA ILE A 191 17.61 -1.76 8.37
C ILE A 191 17.44 -0.50 9.18
N ASP A 192 16.89 -0.64 10.39
CA ASP A 192 16.94 0.40 11.40
C ASP A 192 16.43 1.75 10.92
N ASP A 193 15.54 1.81 9.93
CA ASP A 193 15.20 3.12 9.37
C ASP A 193 14.27 3.94 10.24
N GLN A 194 14.85 4.99 10.83
CA GLN A 194 14.16 5.86 11.76
C GLN A 194 13.12 6.76 11.07
N ALA A 195 13.20 6.82 9.76
CA ALA A 195 12.34 7.64 8.94
C ALA A 195 10.96 7.01 8.74
N ALA A 196 10.87 5.70 8.92
CA ALA A 196 9.55 5.07 8.82
C ALA A 196 8.59 5.66 9.82
N GLU A 197 7.40 6.08 9.40
CA GLU A 197 6.41 6.62 10.34
C GLU A 197 4.99 6.16 9.97
N PRO A 198 4.10 5.95 10.95
CA PRO A 198 2.74 5.55 10.61
C PRO A 198 1.88 6.78 10.33
N ILE A 199 0.83 6.58 9.54
CA ILE A 199 -0.16 7.69 9.45
C ILE A 199 -1.53 7.05 9.68
N ARG A 200 -2.08 7.30 10.86
CA ARG A 200 -3.29 6.63 11.30
C ARG A 200 -4.50 6.95 10.43
N GLY A 201 -5.23 5.90 10.04
CA GLY A 201 -6.46 6.11 9.29
C GLY A 201 -7.64 5.40 9.94
N GLN A 202 -8.59 6.14 10.52
CA GLN A 202 -9.83 5.50 10.98
C GLN A 202 -10.89 5.52 9.89
N THR A 203 -11.67 4.45 9.73
CA THR A 203 -12.76 4.43 8.76
C THR A 203 -13.98 3.70 9.34
N VAL A 204 -15.08 3.82 8.60
CA VAL A 204 -16.32 3.10 8.93
C VAL A 204 -16.70 2.26 7.72
N LEU A 205 -16.84 0.95 7.88
CA LEU A 205 -17.29 0.12 6.79
C LEU A 205 -18.83 0.10 6.83
N VAL A 206 -19.45 0.43 5.72
CA VAL A 206 -20.89 0.68 5.65
C VAL A 206 -21.55 -0.26 4.67
N LYS A 207 -22.71 -0.82 5.04
CA LYS A 207 -23.42 -1.62 4.04
C LYS A 207 -24.27 -0.67 3.19
N SER A 208 -24.00 -0.59 1.90
CA SER A 208 -24.69 0.38 1.05
C SER A 208 -24.48 0.11 -0.44
N PRO A 209 -25.55 0.23 -1.22
CA PRO A 209 -25.47 0.01 -2.67
C PRO A 209 -24.99 1.27 -3.38
N CYS A 210 -24.63 2.29 -2.61
CA CYS A 210 -24.01 3.49 -3.16
C CYS A 210 -22.88 3.08 -4.09
N LYS A 211 -22.86 3.53 -5.33
CA LYS A 211 -21.79 3.09 -6.24
C LYS A 211 -20.88 4.25 -6.62
N ARG A 212 -21.08 5.41 -6.00
CA ARG A 212 -20.26 6.55 -6.40
C ARG A 212 -19.17 6.83 -5.37
N CYS A 213 -17.99 7.18 -5.88
CA CYS A 213 -16.85 7.60 -5.10
C CYS A 213 -16.70 9.12 -5.10
N THR A 214 -16.66 9.62 -3.87
CA THR A 214 -16.51 11.04 -3.61
C THR A 214 -15.38 11.26 -2.61
N MET A 215 -14.60 12.28 -2.93
CA MET A 215 -13.47 12.64 -2.10
C MET A 215 -13.34 14.16 -2.02
N ASP A 216 -13.14 14.56 -0.77
CA ASP A 216 -13.17 15.94 -0.40
C ASP A 216 -12.03 16.27 0.56
N SER A 217 -11.11 17.02 -0.01
CA SER A 217 -9.98 17.54 0.73
C SER A 217 -10.10 19.05 0.94
N SER A 218 -11.26 19.62 0.66
CA SER A 218 -11.42 21.08 0.69
C SER A 218 -11.50 21.57 2.13
N ASP A 219 -11.67 20.62 3.04
CA ASP A 219 -11.73 20.98 4.45
C ASP A 219 -10.59 20.31 5.20
N PRO A 220 -9.52 21.08 5.38
CA PRO A 220 -8.36 20.65 6.15
C PRO A 220 -8.76 20.02 7.49
N ALA A 221 -9.70 20.61 8.22
CA ALA A 221 -10.03 20.08 9.54
C ALA A 221 -10.99 18.89 9.51
N SER A 222 -11.15 18.24 8.35
CA SER A 222 -11.98 17.04 8.29
C SER A 222 -11.90 16.34 6.95
N PRO A 223 -10.89 15.51 6.69
CA PRO A 223 -10.79 14.82 5.40
C PRO A 223 -11.95 13.82 5.32
N ALA A 224 -12.57 13.74 4.16
CA ALA A 224 -13.71 12.84 3.99
C ALA A 224 -13.63 12.09 2.67
N TYR A 225 -14.03 10.82 2.67
CA TYR A 225 -14.10 10.04 1.45
C TYR A 225 -15.10 8.90 1.56
N ILE A 226 -15.69 8.60 0.40
CA ILE A 226 -16.59 7.46 0.27
C ILE A 226 -16.05 6.58 -0.85
N ILE A 227 -15.67 5.36 -0.46
CA ILE A 227 -15.07 4.49 -1.47
C ILE A 227 -15.82 3.17 -1.55
N PRO A 228 -16.60 3.03 -2.62
CA PRO A 228 -17.30 1.78 -2.88
C PRO A 228 -16.35 0.61 -3.19
N ARG A 229 -16.74 -0.59 -2.82
CA ARG A 229 -16.04 -1.82 -3.19
C ARG A 229 -17.05 -2.94 -3.41
N PRO A 230 -16.65 -3.95 -4.19
CA PRO A 230 -17.53 -5.09 -4.47
C PRO A 230 -18.13 -5.68 -3.21
N GLY A 231 -19.42 -5.96 -3.30
CA GLY A 231 -20.14 -6.62 -2.22
C GLY A 231 -21.18 -5.71 -1.61
N GLY A 232 -21.44 -4.56 -2.23
CA GLY A 232 -22.46 -3.68 -1.65
C GLY A 232 -21.92 -3.01 -0.40
N GLU A 233 -20.62 -2.72 -0.42
CA GLU A 233 -19.98 -2.12 0.75
C GLU A 233 -19.29 -0.83 0.33
N VAL A 234 -19.31 0.16 1.21
CA VAL A 234 -18.55 1.38 0.97
C VAL A 234 -17.70 1.65 2.21
N ILE A 235 -16.53 2.25 1.97
CA ILE A 235 -15.72 2.69 3.09
C ILE A 235 -15.77 4.21 3.20
N CYS A 236 -16.18 4.70 4.36
CA CYS A 236 -16.23 6.10 4.71
C CYS A 236 -15.06 6.45 5.62
N GLY A 237 -14.27 7.40 5.13
CA GLY A 237 -13.10 7.64 5.97
C GLY A 237 -12.96 9.12 6.24
N GLY A 238 -11.87 9.34 6.96
CA GLY A 238 -11.45 10.61 7.39
C GLY A 238 -10.29 10.73 8.30
N THR A 239 -9.28 9.86 8.51
CA THR A 239 -8.22 10.51 9.33
C THR A 239 -6.84 10.38 8.66
N TYR A 240 -5.95 11.28 9.05
CA TYR A 240 -4.55 11.28 8.61
C TYR A 240 -3.64 11.71 9.76
N GLY A 241 -3.44 10.84 10.75
CA GLY A 241 -2.73 11.26 11.96
C GLY A 241 -1.27 10.87 11.84
N VAL A 242 -0.45 11.82 11.42
CA VAL A 242 0.95 11.52 11.12
C VAL A 242 1.69 11.19 12.41
N GLY A 243 2.43 10.09 12.42
CA GLY A 243 3.17 9.74 13.63
C GLY A 243 2.25 9.18 14.70
N ASP A 244 0.99 8.91 14.37
CA ASP A 244 0.07 8.41 15.42
C ASP A 244 -0.06 6.91 15.41
N TRP A 245 0.20 6.20 16.53
CA TRP A 245 0.15 4.74 16.54
C TRP A 245 -1.14 4.19 17.16
N ASP A 246 -2.03 5.08 17.56
CA ASP A 246 -3.20 4.64 18.35
C ASP A 246 -4.07 3.72 17.51
N LEU A 247 -4.30 2.52 18.03
CA LEU A 247 -5.04 1.50 17.31
C LEU A 247 -6.51 1.42 17.74
N SER A 248 -6.88 2.21 18.73
CA SER A 248 -8.25 2.17 19.25
C SER A 248 -9.17 3.10 18.48
N VAL A 249 -10.44 2.72 18.42
CA VAL A 249 -11.46 3.49 17.72
C VAL A 249 -11.86 4.73 18.48
N ASN A 250 -11.76 5.88 17.80
CA ASN A 250 -12.21 7.15 18.40
C ASN A 250 -13.71 7.34 18.13
N PRO A 251 -14.55 7.31 19.15
CA PRO A 251 -15.99 7.42 18.93
C PRO A 251 -16.39 8.79 18.40
N GLU A 252 -15.71 9.84 18.82
CA GLU A 252 -15.99 11.17 18.28
C GLU A 252 -15.66 11.22 16.79
N THR A 253 -14.60 10.50 16.41
CA THR A 253 -14.21 10.48 15.00
C THR A 253 -15.25 9.75 14.15
N VAL A 254 -15.92 8.77 14.75
CA VAL A 254 -17.00 8.09 14.04
C VAL A 254 -18.03 9.11 13.54
N GLN A 255 -18.52 9.93 14.48
CA GLN A 255 -19.55 10.90 14.17
C GLN A 255 -19.04 11.93 13.17
N ARG A 256 -17.79 12.36 13.33
CA ARG A 256 -17.36 13.38 12.37
C ARG A 256 -17.25 12.73 11.01
N ILE A 257 -16.83 11.47 10.97
CA ILE A 257 -16.71 10.90 9.62
C ILE A 257 -18.09 10.72 9.00
N LEU A 258 -19.03 10.19 9.79
CA LEU A 258 -20.32 9.91 9.15
C LEU A 258 -21.06 11.20 8.75
N LYS A 259 -21.03 12.24 9.59
CA LYS A 259 -21.69 13.48 9.23
C LYS A 259 -21.12 14.04 7.93
N HIS A 260 -19.79 14.16 7.88
CA HIS A 260 -19.18 14.75 6.69
C HIS A 260 -19.56 13.89 5.49
N CYS A 261 -19.45 12.58 5.66
CA CYS A 261 -19.68 11.71 4.52
C CYS A 261 -21.13 11.82 4.05
N LEU A 262 -22.02 11.93 5.03
CA LEU A 262 -23.44 12.07 4.71
C LEU A 262 -23.65 13.33 3.86
N ARG A 263 -23.07 14.42 4.34
CA ARG A 263 -22.99 15.66 3.62
C ARG A 263 -22.62 15.41 2.15
N LEU A 264 -21.55 14.65 1.97
CA LEU A 264 -21.04 14.35 0.64
C LEU A 264 -22.03 13.55 -0.19
N ASP A 265 -22.73 12.62 0.45
CA ASP A 265 -23.62 11.80 -0.38
C ASP A 265 -24.56 11.03 0.54
N PRO A 266 -25.76 11.59 0.72
CA PRO A 266 -26.76 11.00 1.62
C PRO A 266 -27.14 9.58 1.23
N THR A 267 -26.91 9.19 -0.03
CA THR A 267 -27.33 7.83 -0.40
C THR A 267 -26.52 6.74 0.28
N ILE A 268 -25.53 7.07 1.11
CA ILE A 268 -24.86 6.06 1.92
C ILE A 268 -25.71 5.71 3.14
N SER A 269 -26.73 6.55 3.36
CA SER A 269 -27.71 6.31 4.40
C SER A 269 -28.93 5.57 3.84
N SER A 270 -29.61 4.84 4.71
CA SER A 270 -30.83 4.13 4.34
C SER A 270 -31.94 5.15 4.15
N ASP A 271 -31.71 6.32 4.76
CA ASP A 271 -32.74 7.34 4.58
C ASP A 271 -32.12 8.72 4.61
N GLY A 272 -30.86 8.82 4.17
CA GLY A 272 -30.19 10.11 4.28
C GLY A 272 -30.08 10.60 5.71
N THR A 273 -30.12 9.70 6.69
CA THR A 273 -29.89 10.18 8.07
C THR A 273 -28.63 9.49 8.61
N ILE A 274 -27.93 10.12 9.55
CA ILE A 274 -26.80 9.45 10.16
C ILE A 274 -27.24 8.10 10.72
N GLU A 275 -28.44 8.13 11.27
CA GLU A 275 -29.08 6.99 11.91
C GLU A 275 -29.56 5.96 10.91
N GLY A 276 -29.55 6.30 9.61
CA GLY A 276 -29.95 5.30 8.64
C GLY A 276 -28.76 4.58 8.04
N ILE A 277 -27.55 5.04 8.39
CA ILE A 277 -26.32 4.42 7.88
C ILE A 277 -26.12 3.06 8.56
N GLU A 278 -26.01 1.99 7.77
CA GLU A 278 -25.80 0.63 8.21
C GLU A 278 -24.31 0.30 8.36
N VAL A 279 -23.83 0.48 9.58
CA VAL A 279 -22.47 0.22 9.97
C VAL A 279 -22.10 -1.25 10.03
N LEU A 280 -21.10 -1.64 9.25
CA LEU A 280 -20.62 -3.02 9.34
C LEU A 280 -19.48 -3.20 10.33
N ARG A 281 -18.56 -2.23 10.40
CA ARG A 281 -17.31 -2.34 11.15
C ARG A 281 -16.63 -0.98 11.29
N HIS A 282 -16.03 -0.78 12.46
CA HIS A 282 -15.18 0.37 12.71
C HIS A 282 -13.71 -0.04 12.60
N ASN A 283 -12.95 0.68 11.80
CA ASN A 283 -11.60 0.23 11.49
C ASN A 283 -10.54 1.29 11.76
N VAL A 284 -9.39 0.78 12.17
CA VAL A 284 -8.21 1.65 12.28
C VAL A 284 -6.98 0.95 11.70
N GLY A 285 -6.35 1.54 10.70
CA GLY A 285 -5.11 1.03 10.11
C GLY A 285 -4.03 2.10 10.24
N LEU A 286 -2.78 1.66 10.17
CA LEU A 286 -1.71 2.66 10.16
C LEU A 286 -1.04 2.52 8.79
N ARG A 287 -1.11 3.57 8.01
CA ARG A 287 -0.38 3.66 6.75
C ARG A 287 1.12 3.69 7.06
N PRO A 288 1.85 2.88 6.33
CA PRO A 288 3.31 2.78 6.53
C PRO A 288 3.98 3.82 5.64
N ALA A 289 4.29 4.94 6.28
CA ALA A 289 4.88 6.02 5.49
C ALA A 289 6.36 6.14 5.87
N ARG A 290 7.05 7.04 5.20
CA ARG A 290 8.47 7.29 5.45
C ARG A 290 8.87 8.71 5.16
N ARG A 291 9.45 9.37 6.18
CA ARG A 291 9.97 10.71 5.83
C ARG A 291 11.05 10.57 4.76
N GLY A 292 10.89 11.34 3.70
CA GLY A 292 11.68 11.30 2.50
C GLY A 292 11.05 10.45 1.42
N GLY A 293 9.84 9.91 1.63
CA GLY A 293 9.21 9.21 0.52
C GLY A 293 9.52 7.73 0.48
N PRO A 294 8.81 6.98 -0.37
CA PRO A 294 9.05 5.54 -0.38
C PRO A 294 10.49 5.25 -0.81
N ARG A 295 10.99 4.15 -0.30
CA ARG A 295 12.34 3.68 -0.53
C ARG A 295 12.33 2.46 -1.44
N VAL A 296 12.78 2.64 -2.68
CA VAL A 296 12.85 1.52 -3.61
C VAL A 296 14.26 1.57 -4.21
N GLU A 297 15.15 0.75 -3.68
CA GLU A 297 16.56 0.76 -4.03
C GLU A 297 17.24 -0.49 -3.51
N ALA A 298 18.34 -0.88 -4.18
CA ALA A 298 19.03 -2.10 -3.76
C ALA A 298 20.28 -1.74 -2.98
N GLU A 299 20.54 -2.45 -1.88
CA GLU A 299 21.73 -2.06 -1.10
C GLU A 299 22.61 -3.28 -0.94
N ARG A 300 23.93 -3.16 -0.89
CA ARG A 300 24.73 -4.37 -0.71
C ARG A 300 25.10 -4.47 0.76
N ILE A 301 24.95 -5.66 1.34
CA ILE A 301 25.20 -5.71 2.79
C ILE A 301 26.07 -6.91 3.15
N VAL A 302 26.91 -6.65 4.16
CA VAL A 302 27.75 -7.74 4.62
C VAL A 302 27.12 -8.32 5.87
N LEU A 303 27.10 -9.63 5.87
CA LEU A 303 26.68 -10.43 6.99
C LEU A 303 27.86 -11.23 7.51
N PRO A 304 27.87 -11.52 8.81
CA PRO A 304 26.82 -11.06 9.72
C PRO A 304 26.96 -9.61 10.17
N LEU A 305 25.88 -9.07 10.75
CA LEU A 305 25.81 -7.70 11.21
C LEU A 305 26.60 -7.46 12.49
N ASP A 306 27.19 -6.27 12.60
CA ASP A 306 27.90 -5.92 13.83
C ASP A 306 27.21 -4.71 14.44
N ARG A 307 27.49 -4.41 15.71
CA ARG A 307 26.81 -3.31 16.37
C ARG A 307 27.15 -1.97 15.76
N THR A 308 28.20 -1.92 14.94
CA THR A 308 28.49 -0.67 14.26
C THR A 308 27.64 -0.54 13.00
N LYS A 309 27.07 -1.62 12.49
CA LYS A 309 26.10 -1.46 11.41
C LYS A 309 24.71 -1.10 11.96
N SER A 310 24.36 -1.72 13.09
CA SER A 310 23.05 -1.62 13.69
C SER A 310 23.14 -1.51 15.21
N PRO A 311 22.54 -0.44 15.74
CA PRO A 311 22.31 -0.29 17.17
C PRO A 311 21.51 -1.45 17.74
N LEU A 312 20.72 -2.11 16.90
CA LEU A 312 19.91 -3.23 17.38
C LEU A 312 20.49 -4.61 17.11
N SER A 313 21.76 -4.71 16.71
CA SER A 313 22.32 -6.02 16.39
C SER A 313 22.34 -6.93 17.60
N LEU A 314 22.10 -8.21 17.36
CA LEU A 314 22.02 -9.15 18.48
C LEU A 314 23.41 -9.56 18.95
N GLY A 315 23.53 -10.19 20.12
CA GLY A 315 24.82 -10.59 20.66
C GLY A 315 25.57 -9.42 21.26
N ARG A 316 26.89 -9.56 21.45
CA ARG A 316 27.64 -8.49 22.12
C ARG A 316 28.13 -7.45 21.14
N GLY A 317 28.15 -6.18 21.57
CA GLY A 317 28.68 -5.07 20.82
C GLY A 317 29.92 -5.39 20.01
N SER A 318 30.81 -6.21 20.57
CA SER A 318 32.00 -6.72 19.95
C SER A 318 31.72 -7.84 18.96
N ALA A 319 31.97 -7.61 17.67
CA ALA A 319 31.75 -8.60 16.63
C ALA A 319 32.90 -8.63 15.64
N ARG A 320 33.09 -9.79 14.99
CA ARG A 320 34.18 -9.94 14.03
C ARG A 320 33.84 -10.93 12.92
N ALA A 321 34.88 -11.56 12.40
CA ALA A 321 34.78 -12.56 11.35
C ALA A 321 33.62 -13.51 11.61
N ALA A 322 33.94 -14.74 12.00
CA ALA A 322 32.90 -15.76 12.18
C ALA A 322 32.12 -15.90 10.86
N LYS A 323 32.89 -15.88 9.79
CA LYS A 323 32.48 -15.81 8.39
C LYS A 323 32.39 -14.33 8.00
N GLU A 324 31.61 -14.05 6.95
CA GLU A 324 31.31 -12.72 6.46
C GLU A 324 30.89 -12.76 4.99
N LYS A 325 29.64 -13.11 4.71
CA LYS A 325 29.14 -13.10 3.34
C LYS A 325 28.56 -11.73 2.99
N GLU A 326 28.37 -11.51 1.69
CA GLU A 326 27.77 -10.27 1.23
C GLU A 326 26.50 -10.56 0.44
N VAL A 327 25.44 -9.83 0.77
CA VAL A 327 24.17 -10.13 0.10
C VAL A 327 23.50 -8.87 -0.42
N THR A 328 22.39 -9.05 -1.16
CA THR A 328 21.65 -7.90 -1.68
C THR A 328 20.32 -7.75 -0.92
N LEU A 329 20.07 -6.52 -0.54
CA LEU A 329 18.83 -6.12 0.11
C LEU A 329 18.10 -5.10 -0.76
N VAL A 330 16.98 -5.54 -1.37
CA VAL A 330 16.19 -4.61 -2.18
C VAL A 330 14.99 -4.08 -1.37
N HIS A 331 15.13 -2.82 -0.97
CA HIS A 331 14.09 -2.09 -0.26
C HIS A 331 12.87 -1.78 -1.12
N ALA A 332 11.70 -1.94 -0.52
CA ALA A 332 10.43 -1.56 -1.08
C ALA A 332 9.44 -1.23 0.03
N TYR A 333 9.58 -0.05 0.64
CA TYR A 333 8.64 0.33 1.67
C TYR A 333 8.50 1.83 1.84
N GLY A 334 7.49 2.19 2.63
CA GLY A 334 7.11 3.56 2.97
C GLY A 334 6.21 4.17 1.92
N PHE A 335 5.22 3.40 1.46
CA PHE A 335 4.29 3.88 0.43
C PHE A 335 3.14 4.69 1.01
N SER A 336 3.05 4.82 2.33
CA SER A 336 2.07 5.72 2.95
C SER A 336 0.66 5.42 2.47
N SER A 337 -0.02 6.41 1.89
CA SER A 337 -1.42 6.24 1.49
C SER A 337 -1.61 5.73 0.08
N ALA A 338 -0.56 5.29 -0.60
CA ALA A 338 -0.66 4.99 -2.02
C ALA A 338 -0.06 3.64 -2.40
N GLY A 339 0.05 2.72 -1.45
CA GLY A 339 0.64 1.40 -1.70
C GLY A 339 -0.10 0.56 -2.71
N TYR A 340 -1.44 0.54 -2.67
CA TYR A 340 -2.14 -0.25 -3.69
C TYR A 340 -1.98 0.37 -5.08
N GLN A 341 -2.28 1.65 -5.23
CA GLN A 341 -2.26 2.32 -6.52
C GLN A 341 -0.84 2.47 -7.06
N GLN A 342 0.21 2.21 -6.28
CA GLN A 342 1.54 2.32 -6.87
C GLN A 342 2.21 0.95 -7.01
N SER A 343 1.54 -0.05 -6.46
CA SER A 343 2.04 -1.38 -6.17
C SER A 343 2.59 -2.11 -7.39
N TRP A 344 1.91 -2.10 -8.53
CA TRP A 344 2.39 -2.86 -9.68
C TRP A 344 3.61 -2.19 -10.29
N GLY A 345 3.63 -0.86 -10.37
CA GLY A 345 4.81 -0.17 -10.89
C GLY A 345 5.99 -0.33 -9.94
N ALA A 346 5.68 -0.21 -8.63
CA ALA A 346 6.76 -0.40 -7.65
C ALA A 346 7.39 -1.78 -7.82
N ALA A 347 6.55 -2.81 -7.95
CA ALA A 347 7.05 -4.17 -8.10
C ALA A 347 7.87 -4.34 -9.37
N GLU A 348 7.53 -3.54 -10.39
CA GLU A 348 8.27 -3.59 -11.64
C GLU A 348 9.67 -3.03 -11.41
N ASP A 349 9.74 -1.90 -10.74
CA ASP A 349 11.04 -1.35 -10.35
C ASP A 349 11.75 -2.36 -9.45
N VAL A 350 11.06 -2.97 -8.50
CA VAL A 350 11.73 -3.96 -7.66
C VAL A 350 12.35 -5.07 -8.49
N ALA A 351 11.63 -5.65 -9.46
CA ALA A 351 12.15 -6.83 -10.15
C ALA A 351 13.29 -6.49 -11.09
N GLN A 352 13.34 -5.23 -11.49
CA GLN A 352 14.43 -4.77 -12.33
C GLN A 352 15.70 -4.69 -11.49
N LEU A 353 15.55 -4.28 -10.23
CA LEU A 353 16.70 -4.26 -9.35
C LEU A 353 17.21 -5.66 -9.07
N VAL A 354 16.30 -6.57 -8.83
CA VAL A 354 16.67 -7.98 -8.64
C VAL A 354 17.38 -8.54 -9.86
N ASP A 355 16.87 -8.31 -11.06
CA ASP A 355 17.49 -8.81 -12.29
C ASP A 355 18.94 -8.30 -12.36
N GLU A 356 19.03 -7.01 -12.08
CA GLU A 356 20.26 -6.24 -12.08
C GLU A 356 21.26 -6.90 -11.15
N ALA A 357 20.83 -7.13 -9.92
CA ALA A 357 21.68 -7.61 -8.84
C ALA A 357 22.18 -9.01 -9.16
N PHE A 358 21.30 -9.80 -9.76
CA PHE A 358 21.68 -11.17 -10.06
C PHE A 358 22.71 -11.16 -11.19
N GLN A 359 22.52 -10.24 -12.13
CA GLN A 359 23.48 -10.09 -13.22
C GLN A 359 24.84 -9.68 -12.63
N ARG A 360 24.82 -8.75 -11.67
CA ARG A 360 26.09 -8.35 -11.08
C ARG A 360 26.60 -9.42 -10.13
N TYR A 361 25.90 -9.66 -9.03
CA TYR A 361 26.55 -10.48 -7.99
C TYR A 361 26.29 -11.96 -8.11
N HIS A 362 25.08 -12.37 -7.80
CA HIS A 362 24.61 -13.74 -7.65
C HIS A 362 24.68 -14.54 -8.94
N GLY A 363 25.81 -14.49 -9.64
CA GLY A 363 26.02 -15.12 -10.91
C GLY A 363 26.22 -14.11 -12.03
PA FAD B . 2.10 -3.50 4.90
O1A FAD B . 0.82 -3.95 4.39
O2A FAD B . 0.82 -3.95 4.39
O5B FAD B . 2.91 -5.08 4.96
C5B FAD B . 4.08 -4.89 5.97
C4B FAD B . 4.25 -6.57 5.59
O4B FAD B . 5.56 -6.60 6.31
C3B FAD B . 3.26 -7.38 6.47
O3B FAD B . 3.41 -8.76 5.97
C2B FAD B . 4.02 -7.41 7.83
O2B FAD B . 3.65 -8.48 8.72
C1B FAD B . 5.49 -7.69 7.44
N9A FAD B . 6.44 -7.05 8.52
C8A FAD B . 7.15 -5.93 8.93
N7A FAD B . 7.49 -6.06 10.02
C5A FAD B . 8.00 -7.35 9.97
C6A FAD B . 9.22 -8.33 10.68
N6A FAD B . 9.83 -7.70 11.54
N1A FAD B . 9.15 -9.60 10.42
C2A FAD B . 8.36 -10.24 9.51
N3A FAD B . 7.48 -9.45 8.65
C4A FAD B . 7.28 -8.25 9.12
N1 FAD B . -3.71 2.73 -0.62
C2 FAD B . -4.05 3.05 -2.14
O2 FAD B . -3.30 2.87 -2.92
N3 FAD B . -5.35 3.38 -2.22
C4 FAD B . -6.39 3.60 -1.18
O4 FAD B . -7.45 3.83 -1.56
C4X FAD B . -5.93 3.36 0.14
N5 FAD B . -6.66 3.52 1.27
C5X FAD B . -6.24 3.55 2.54
C6 FAD B . -7.01 3.90 3.75
C7 FAD B . -6.95 3.52 4.98
C7M FAD B . -7.83 3.78 6.04
C8 FAD B . -5.31 2.99 5.06
C8M FAD B . -5.02 2.67 6.70
C9 FAD B . -4.50 2.69 4.01
C9A FAD B . -4.78 2.90 2.82
N10 FAD B . -3.90 2.91 1.77
C10 FAD B . -4.43 2.94 0.56
C1' FAD B . -2.26 2.61 2.06
C2' FAD B . -2.24 1.09 1.58
O2' FAD B . -2.98 0.49 2.69
C3' FAD B . -0.68 0.98 2.19
O3' FAD B . 0.16 1.90 1.35
C4' FAD B . -0.21 -0.34 1.60
O4' FAD B . -1.05 -1.29 2.35
C5' FAD B . 1.16 -0.65 2.22
O5' FAD B . 1.56 -1.96 1.64
P FAD B . 2.96 -2.61 2.24
O1P FAD B . 4.01 -1.52 2.08
O2P FAD B . 2.91 -3.92 1.62
O3P FAD B . 2.91 -2.68 3.82
HOA2 FAD B . 2.01 -2.84 6.16
C BE2 C . -6.55 6.94 2.33
O BE2 C . -7.12 7.20 3.35
OXT BE2 C . -5.44 6.49 2.50
C1 BE2 C . -7.23 7.21 1.06
CA BE2 C . -6.64 6.90 -0.12
C3 BE2 C . -7.24 7.14 -1.34
N BE2 C . -5.35 6.27 -0.08
C4 BE2 C . -8.50 7.71 -1.38
C5 BE2 C . -9.11 8.03 -0.18
C6 BE2 C . -8.46 7.77 0.98
C BE2 D . -4.39 13.91 3.64
O BE2 D . -5.06 14.39 4.55
OXT BE2 D . -3.48 14.67 3.35
C1 BE2 D . -4.76 12.61 3.06
CA BE2 D . -4.06 11.97 2.04
C3 BE2 D . -4.52 10.72 1.59
N BE2 D . -2.86 12.51 1.46
C4 BE2 D . -5.62 10.10 2.12
C5 BE2 D . -6.33 10.73 3.11
C6 BE2 D . -5.89 11.96 3.56
#